data_8QWU
# 
_entry.id   8QWU 
# 
_audit_conform.dict_name       mmcif_pdbx.dic 
_audit_conform.dict_version    5.395 
_audit_conform.dict_location   http://mmcif.pdb.org/dictionaries/ascii/mmcif_pdbx.dic 
# 
loop_
_database_2.database_id 
_database_2.database_code 
_database_2.pdbx_database_accession 
_database_2.pdbx_DOI 
PDB   8QWU         pdb_00008qwu 10.2210/pdb8qwu/pdb 
WWPDB D_1292134213 ?            ?                   
# 
loop_
_pdbx_audit_revision_history.ordinal 
_pdbx_audit_revision_history.data_content_type 
_pdbx_audit_revision_history.major_revision 
_pdbx_audit_revision_history.minor_revision 
_pdbx_audit_revision_history.revision_date 
1 'Structure model' 1 0 2024-08-07 
2 'Structure model' 1 1 2024-09-04 
# 
_pdbx_audit_revision_details.ordinal             1 
_pdbx_audit_revision_details.revision_ordinal    1 
_pdbx_audit_revision_details.data_content_type   'Structure model' 
_pdbx_audit_revision_details.provider            repository 
_pdbx_audit_revision_details.type                'Initial release' 
_pdbx_audit_revision_details.description         ? 
_pdbx_audit_revision_details.details             ? 
# 
_pdbx_audit_revision_group.ordinal             1 
_pdbx_audit_revision_group.revision_ordinal    2 
_pdbx_audit_revision_group.data_content_type   'Structure model' 
_pdbx_audit_revision_group.group               'Database references' 
# 
loop_
_pdbx_audit_revision_category.ordinal 
_pdbx_audit_revision_category.revision_ordinal 
_pdbx_audit_revision_category.data_content_type 
_pdbx_audit_revision_category.category 
1 2 'Structure model' citation        
2 2 'Structure model' citation_author 
# 
loop_
_pdbx_audit_revision_item.ordinal 
_pdbx_audit_revision_item.revision_ordinal 
_pdbx_audit_revision_item.data_content_type 
_pdbx_audit_revision_item.item 
1  2 'Structure model' '_citation.country'                 
2  2 'Structure model' '_citation.journal_abbrev'          
3  2 'Structure model' '_citation.journal_id_CSD'          
4  2 'Structure model' '_citation.journal_id_ISSN'         
5  2 'Structure model' '_citation.journal_volume'          
6  2 'Structure model' '_citation.page_first'              
7  2 'Structure model' '_citation.page_last'               
8  2 'Structure model' '_citation.pdbx_database_id_DOI'    
9  2 'Structure model' '_citation.pdbx_database_id_PubMed' 
10 2 'Structure model' '_citation.title'                   
11 2 'Structure model' '_citation.year'                    
# 
_pdbx_database_status.status_code                     REL 
_pdbx_database_status.status_code_sf                  REL 
_pdbx_database_status.status_code_mr                  ? 
_pdbx_database_status.entry_id                        8QWU 
_pdbx_database_status.recvd_initial_deposition_date   2023-10-20 
_pdbx_database_status.SG_entry                        N 
_pdbx_database_status.deposit_site                    PDBE 
_pdbx_database_status.process_site                    PDBE 
_pdbx_database_status.status_code_cs                  ? 
_pdbx_database_status.status_code_nmr_data            ? 
_pdbx_database_status.methods_development_category    ? 
_pdbx_database_status.pdb_format_compatible           Y 
# 
_pdbx_contact_author.id                 2 
_pdbx_contact_author.email              perczel.andras@ttk.elte.hu 
_pdbx_contact_author.name_first         Andras 
_pdbx_contact_author.name_last          Perczel 
_pdbx_contact_author.name_mi            ? 
_pdbx_contact_author.role               'principal investigator/group leader' 
_pdbx_contact_author.identifier_ORCID   0000-0003-1252-6416 
# 
_audit_author.name               'Durvanger, Z.' 
_audit_author.pdbx_ordinal       1 
_audit_author.identifier_ORCID   0000-0002-2652-4916 
# 
_citation.abstract                  ? 
_citation.abstract_id_CAS           ? 
_citation.book_id_ISBN              ? 
_citation.book_publisher            ? 
_citation.book_publisher_city       ? 
_citation.book_title                ? 
_citation.coordinate_linkage        ? 
_citation.country                   UK 
_citation.database_id_Medline       ? 
_citation.details                   ? 
_citation.id                        primary 
_citation.journal_abbrev            'Commun Biol' 
_citation.journal_id_ASTM           ? 
_citation.journal_id_CSD            ? 
_citation.journal_id_ISSN           2399-3642 
_citation.journal_full              ? 
_citation.journal_issue             ? 
_citation.journal_volume            7 
_citation.language                  ? 
_citation.page_first                968 
_citation.page_last                 968 
_citation.title                     
'Solvent induced amyloid polymorphism and the uncovering of the elusive class 3 amyloid topology.' 
_citation.year                      2024 
_citation.database_id_CSD           ? 
_citation.pdbx_database_id_DOI      10.1038/s42003-024-06621-8 
_citation.pdbx_database_id_PubMed   39122990 
_citation.pdbx_database_id_patent   ? 
_citation.unpublished_flag          ? 
# 
loop_
_citation_author.citation_id 
_citation_author.name 
_citation_author.ordinal 
_citation_author.identifier_ORCID 
primary 'Durvanger, Z.'  1 0000-0002-2652-4916 
primary 'Bencs, F.'      2 0009-0003-9246-2228 
primary 'Menyhard, D.K.' 3 0000-0002-0095-5531 
primary 'Horvath, D.'    4 0000-0001-8239-3933 
primary 'Perczel, A.'    5 0000-0003-1252-6416 
# 
_entity.id                         1 
_entity.type                       polymer 
_entity.src_method                 syn 
_entity.pdbx_description           'Peptide LYIQNL' 
_entity.formula_weight             762.894 
_entity.pdbx_number_of_molecules   1 
_entity.pdbx_ec                    ? 
_entity.pdbx_mutation              ? 
_entity.pdbx_fragment              ? 
_entity.details                    ? 
# 
_entity_poly.entity_id                      1 
_entity_poly.type                           'polypeptide(L)' 
_entity_poly.nstd_linkage                   no 
_entity_poly.nstd_monomer                   no 
_entity_poly.pdbx_seq_one_letter_code       LYIQNL 
_entity_poly.pdbx_seq_one_letter_code_can   LYIQNL 
_entity_poly.pdbx_strand_id                 A 
_entity_poly.pdbx_target_identifier         ? 
# 
loop_
_entity_poly_seq.entity_id 
_entity_poly_seq.num 
_entity_poly_seq.mon_id 
_entity_poly_seq.hetero 
1 1 LEU n 
1 2 TYR n 
1 3 ILE n 
1 4 GLN n 
1 5 ASN n 
1 6 LEU n 
# 
_pdbx_entity_src_syn.entity_id              1 
_pdbx_entity_src_syn.pdbx_src_id            1 
_pdbx_entity_src_syn.pdbx_alt_source_flag   sample 
_pdbx_entity_src_syn.pdbx_beg_seq_num       1 
_pdbx_entity_src_syn.pdbx_end_seq_num       6 
_pdbx_entity_src_syn.organism_scientific    'synthetic construct' 
_pdbx_entity_src_syn.organism_common_name   ? 
_pdbx_entity_src_syn.ncbi_taxonomy_id       32630 
_pdbx_entity_src_syn.details                ? 
# 
loop_
_chem_comp.id 
_chem_comp.type 
_chem_comp.mon_nstd_flag 
_chem_comp.name 
_chem_comp.pdbx_synonyms 
_chem_comp.formula 
_chem_comp.formula_weight 
ASN 'L-peptide linking' y ASPARAGINE ? 'C4 H8 N2 O3'  132.118 
GLN 'L-peptide linking' y GLUTAMINE  ? 'C5 H10 N2 O3' 146.144 
ILE 'L-peptide linking' y ISOLEUCINE ? 'C6 H13 N O2'  131.173 
LEU 'L-peptide linking' y LEUCINE    ? 'C6 H13 N O2'  131.173 
TYR 'L-peptide linking' y TYROSINE   ? 'C9 H11 N O3'  181.189 
# 
loop_
_pdbx_poly_seq_scheme.asym_id 
_pdbx_poly_seq_scheme.entity_id 
_pdbx_poly_seq_scheme.seq_id 
_pdbx_poly_seq_scheme.mon_id 
_pdbx_poly_seq_scheme.ndb_seq_num 
_pdbx_poly_seq_scheme.pdb_seq_num 
_pdbx_poly_seq_scheme.auth_seq_num 
_pdbx_poly_seq_scheme.pdb_mon_id 
_pdbx_poly_seq_scheme.auth_mon_id 
_pdbx_poly_seq_scheme.pdb_strand_id 
_pdbx_poly_seq_scheme.pdb_ins_code 
_pdbx_poly_seq_scheme.hetero 
A 1 1 LEU 1 1 1 LEU LEU A . n 
A 1 2 TYR 2 2 2 TYR TYR A . n 
A 1 3 ILE 3 3 3 ILE ILE A . n 
A 1 4 GLN 4 4 4 GLN GLN A . n 
A 1 5 ASN 5 5 5 ASN ASN A . n 
A 1 6 LEU 6 6 6 LEU LEU A . n 
# 
loop_
_pdbx_unobs_or_zero_occ_atoms.id 
_pdbx_unobs_or_zero_occ_atoms.PDB_model_num 
_pdbx_unobs_or_zero_occ_atoms.polymer_flag 
_pdbx_unobs_or_zero_occ_atoms.occupancy_flag 
_pdbx_unobs_or_zero_occ_atoms.auth_asym_id 
_pdbx_unobs_or_zero_occ_atoms.auth_comp_id 
_pdbx_unobs_or_zero_occ_atoms.auth_seq_id 
_pdbx_unobs_or_zero_occ_atoms.PDB_ins_code 
_pdbx_unobs_or_zero_occ_atoms.auth_atom_id 
_pdbx_unobs_or_zero_occ_atoms.label_alt_id 
_pdbx_unobs_or_zero_occ_atoms.label_asym_id 
_pdbx_unobs_or_zero_occ_atoms.label_comp_id 
_pdbx_unobs_or_zero_occ_atoms.label_seq_id 
_pdbx_unobs_or_zero_occ_atoms.label_atom_id 
1 1 Y 1 A LEU 6 ? CG  ? A LEU 6 CG  
2 1 Y 1 A LEU 6 ? CD1 ? A LEU 6 CD1 
3 1 Y 1 A LEU 6 ? CD2 ? A LEU 6 CD2 
# 
loop_
_software.citation_id 
_software.classification 
_software.compiler_name 
_software.compiler_version 
_software.contact_author 
_software.contact_author_email 
_software.date 
_software.description 
_software.dependencies 
_software.hardware 
_software.language 
_software.location 
_software.mods 
_software.name 
_software.os 
_software.os_version 
_software.type 
_software.version 
_software.pdbx_ordinal 
? refinement       ? ? ? ? ? ? ? ? ? ? ? PHENIX      ? ? ? 1.20.1_4487 1 
? 'data reduction' ? ? ? ? ? ? ? ? ? ? ? CrysalisPro ? ? ? .           2 
? 'data scaling'   ? ? ? ? ? ? ? ? ? ? ? CrysalisPro ? ? ? .           3 
? phasing          ? ? ? ? ? ? ? ? ? ? ? Fragon      ? ? ? .           4 
# 
_cell.angle_alpha                  90.000 
_cell.angle_alpha_esd              ? 
_cell.angle_beta                   90.000 
_cell.angle_beta_esd               ? 
_cell.angle_gamma                  90.000 
_cell.angle_gamma_esd              ? 
_cell.entry_id                     8QWU 
_cell.details                      ? 
_cell.formula_units_Z              ? 
_cell.length_a                     4.848 
_cell.length_a_esd                 ? 
_cell.length_b                     20.005 
_cell.length_b_esd                 ? 
_cell.length_c                     42.650 
_cell.length_c_esd                 ? 
_cell.volume                       4136.378 
_cell.volume_esd                   ? 
_cell.Z_PDB                        4 
_cell.reciprocal_angle_alpha       ? 
_cell.reciprocal_angle_beta        ? 
_cell.reciprocal_angle_gamma       ? 
_cell.reciprocal_angle_alpha_esd   ? 
_cell.reciprocal_angle_beta_esd    ? 
_cell.reciprocal_angle_gamma_esd   ? 
_cell.reciprocal_length_a          ? 
_cell.reciprocal_length_b          ? 
_cell.reciprocal_length_c          ? 
_cell.reciprocal_length_a_esd      ? 
_cell.reciprocal_length_b_esd      ? 
_cell.reciprocal_length_c_esd      ? 
_cell.pdbx_unique_axis             ? 
_cell.pdbx_esd_method              ? 
# 
_symmetry.entry_id                         8QWU 
_symmetry.cell_setting                     ? 
_symmetry.Int_Tables_number                19 
_symmetry.space_group_name_Hall            'P 2ac 2ab' 
_symmetry.space_group_name_H-M             'P 21 21 21' 
_symmetry.pdbx_full_space_group_name_H-M   ? 
# 
_exptl.absorpt_coefficient_mu     ? 
_exptl.absorpt_correction_T_max   ? 
_exptl.absorpt_correction_T_min   ? 
_exptl.absorpt_correction_type    ? 
_exptl.absorpt_process_details    ? 
_exptl.entry_id                   8QWU 
_exptl.crystals_number            1 
_exptl.details                    ? 
_exptl.method                     'X-RAY DIFFRACTION' 
_exptl.method_details             ? 
# 
_exptl_crystal.colour                       ? 
_exptl_crystal.density_diffrn               ? 
_exptl_crystal.density_Matthews             ? 
_exptl_crystal.density_method               ? 
_exptl_crystal.density_percent_sol          ? 
_exptl_crystal.description                  ? 
_exptl_crystal.F_000                        ? 
_exptl_crystal.id                           1 
_exptl_crystal.preparation                  ? 
_exptl_crystal.size_max                     ? 
_exptl_crystal.size_mid                     ? 
_exptl_crystal.size_min                     ? 
_exptl_crystal.size_rad                     ? 
_exptl_crystal.colour_lustre                ? 
_exptl_crystal.colour_modifier              ? 
_exptl_crystal.colour_primary               ? 
_exptl_crystal.density_meas                 ? 
_exptl_crystal.density_meas_esd             ? 
_exptl_crystal.density_meas_gt              ? 
_exptl_crystal.density_meas_lt              ? 
_exptl_crystal.density_meas_temp            ? 
_exptl_crystal.density_meas_temp_esd        ? 
_exptl_crystal.density_meas_temp_gt         ? 
_exptl_crystal.density_meas_temp_lt         ? 
_exptl_crystal.pdbx_crystal_image_url       ? 
_exptl_crystal.pdbx_crystal_image_format    ? 
_exptl_crystal.pdbx_mosaicity               ? 
_exptl_crystal.pdbx_mosaicity_esd           ? 
_exptl_crystal.pdbx_mosaic_method           ? 
_exptl_crystal.pdbx_mosaic_block_size       ? 
_exptl_crystal.pdbx_mosaic_block_size_esd   ? 
# 
_exptl_crystal_grow.apparatus       ? 
_exptl_crystal_grow.atmosphere      ? 
_exptl_crystal_grow.crystal_id      1 
_exptl_crystal_grow.details         ? 
_exptl_crystal_grow.method          'EVAPORATION, RECRYSTALLIZATION' 
_exptl_crystal_grow.method_ref      ? 
_exptl_crystal_grow.pH              4.80 
_exptl_crystal_grow.pressure        ? 
_exptl_crystal_grow.pressure_esd    ? 
_exptl_crystal_grow.seeding         ? 
_exptl_crystal_grow.seeding_ref     ? 
_exptl_crystal_grow.temp_details    ? 
_exptl_crystal_grow.temp_esd        ? 
_exptl_crystal_grow.time            ? 
_exptl_crystal_grow.pdbx_details    
'the peptide was dissolved in 0.1M acetate buffer, pH 4.80 at 0.12 mg/mL concentration and incubated at 310K' 
_exptl_crystal_grow.pdbx_pH_range   ? 
_exptl_crystal_grow.temp            310 
# 
_diffrn.ambient_environment              ? 
_diffrn.ambient_temp                     100 
_diffrn.ambient_temp_details             ? 
_diffrn.ambient_temp_esd                 ? 
_diffrn.crystal_id                       1 
_diffrn.crystal_support                  ? 
_diffrn.crystal_treatment                ? 
_diffrn.details                          ? 
_diffrn.id                               1 
_diffrn.ambient_pressure                 ? 
_diffrn.ambient_pressure_esd             ? 
_diffrn.ambient_pressure_gt              ? 
_diffrn.ambient_pressure_lt              ? 
_diffrn.ambient_temp_gt                  ? 
_diffrn.ambient_temp_lt                  ? 
_diffrn.pdbx_serial_crystal_experiment   N 
# 
_diffrn_detector.details                      ? 
_diffrn_detector.detector                     PIXEL 
_diffrn_detector.diffrn_id                    1 
_diffrn_detector.type                         'RIGAKU HyPix-6000HE' 
_diffrn_detector.area_resol_mean              ? 
_diffrn_detector.dtime                        ? 
_diffrn_detector.pdbx_frames_total            ? 
_diffrn_detector.pdbx_collection_time_total   ? 
_diffrn_detector.pdbx_collection_date         2022-06-20 
_diffrn_detector.pdbx_frequency               ? 
_diffrn_detector.id                           ? 
_diffrn_detector.number_of_axes               ? 
# 
_diffrn_radiation.collimation                      ? 
_diffrn_radiation.diffrn_id                        1 
_diffrn_radiation.filter_edge                      ? 
_diffrn_radiation.inhomogeneity                    ? 
_diffrn_radiation.monochromator                    ? 
_diffrn_radiation.polarisn_norm                    ? 
_diffrn_radiation.polarisn_ratio                   ? 
_diffrn_radiation.probe                            ? 
_diffrn_radiation.type                             ? 
_diffrn_radiation.xray_symbol                      ? 
_diffrn_radiation.wavelength_id                    1 
_diffrn_radiation.pdbx_monochromatic_or_laue_m_l   M 
_diffrn_radiation.pdbx_wavelength_list             ? 
_diffrn_radiation.pdbx_wavelength                  ? 
_diffrn_radiation.pdbx_diffrn_protocol             'SINGLE WAVELENGTH' 
_diffrn_radiation.pdbx_analyzer                    ? 
_diffrn_radiation.pdbx_scattering_type             x-ray 
# 
_diffrn_radiation_wavelength.id           1 
_diffrn_radiation_wavelength.wavelength   1.54184 
_diffrn_radiation_wavelength.wt           1.0 
# 
_diffrn_source.current                     ? 
_diffrn_source.details                     ? 
_diffrn_source.diffrn_id                   1 
_diffrn_source.power                       ? 
_diffrn_source.size                        ? 
_diffrn_source.source                      'ROTATING ANODE' 
_diffrn_source.target                      ? 
_diffrn_source.type                        'RIGAKU PhotonJet-R' 
_diffrn_source.voltage                     ? 
_diffrn_source.take-off_angle              ? 
_diffrn_source.pdbx_wavelength_list        1.54184 
_diffrn_source.pdbx_wavelength             ? 
_diffrn_source.pdbx_synchrotron_beamline   ? 
_diffrn_source.pdbx_synchrotron_site       ? 
# 
_reflns.B_iso_Wilson_estimate                          8.19 
_reflns.entry_id                                       8QWU 
_reflns.data_reduction_details                         ? 
_reflns.data_reduction_method                          ? 
_reflns.d_resolution_high                              1.55 
_reflns.d_resolution_low                               18.11 
_reflns.details                                        ? 
_reflns.limit_h_max                                    ? 
_reflns.limit_h_min                                    ? 
_reflns.limit_k_max                                    ? 
_reflns.limit_k_min                                    ? 
_reflns.limit_l_max                                    ? 
_reflns.limit_l_min                                    ? 
_reflns.number_all                                     ? 
_reflns.number_obs                                     706 
_reflns.observed_criterion                             ? 
_reflns.observed_criterion_F_max                       ? 
_reflns.observed_criterion_F_min                       ? 
_reflns.observed_criterion_I_max                       ? 
_reflns.observed_criterion_I_min                       ? 
_reflns.observed_criterion_sigma_F                     ? 
_reflns.observed_criterion_sigma_I                     ? 
_reflns.percent_possible_obs                           94.01 
_reflns.R_free_details                                 ? 
_reflns.Rmerge_F_all                                   ? 
_reflns.Rmerge_F_obs                                   ? 
_reflns.Friedel_coverage                               ? 
_reflns.number_gt                                      ? 
_reflns.threshold_expression                           ? 
_reflns.pdbx_redundancy                                4.83 
_reflns.pdbx_netI_over_av_sigmaI                       ? 
_reflns.pdbx_netI_over_sigmaI                          7.4 
_reflns.pdbx_res_netI_over_av_sigmaI_2                 ? 
_reflns.pdbx_res_netI_over_sigmaI_2                    ? 
_reflns.pdbx_chi_squared                               ? 
_reflns.pdbx_scaling_rejects                           ? 
_reflns.pdbx_d_res_high_opt                            ? 
_reflns.pdbx_d_res_low_opt                             ? 
_reflns.pdbx_d_res_opt_method                          ? 
_reflns.phase_calculation_details                      ? 
_reflns.pdbx_Rrim_I_all                                0.160 
_reflns.pdbx_Rpim_I_all                                ? 
_reflns.pdbx_d_opt                                     ? 
_reflns.pdbx_number_measured_all                       ? 
_reflns.pdbx_diffrn_id                                 1 
_reflns.pdbx_ordinal                                   1 
_reflns.pdbx_CC_half                                   0.998 
_reflns.pdbx_CC_star                                   ? 
_reflns.pdbx_R_split                                   ? 
_reflns.pdbx_Rmerge_I_obs                              ? 
_reflns.pdbx_Rmerge_I_all                              ? 
_reflns.pdbx_Rsym_value                                ? 
_reflns.pdbx_CC_split_method                           ? 
_reflns.pdbx_aniso_diffraction_limit_axis_1_ortho[1]   ? 
_reflns.pdbx_aniso_diffraction_limit_axis_1_ortho[2]   ? 
_reflns.pdbx_aniso_diffraction_limit_axis_1_ortho[3]   ? 
_reflns.pdbx_aniso_diffraction_limit_axis_2_ortho[1]   ? 
_reflns.pdbx_aniso_diffraction_limit_axis_2_ortho[2]   ? 
_reflns.pdbx_aniso_diffraction_limit_axis_2_ortho[3]   ? 
_reflns.pdbx_aniso_diffraction_limit_axis_3_ortho[1]   ? 
_reflns.pdbx_aniso_diffraction_limit_axis_3_ortho[2]   ? 
_reflns.pdbx_aniso_diffraction_limit_axis_3_ortho[3]   ? 
_reflns.pdbx_aniso_diffraction_limit_1                 ? 
_reflns.pdbx_aniso_diffraction_limit_2                 ? 
_reflns.pdbx_aniso_diffraction_limit_3                 ? 
_reflns.pdbx_aniso_B_tensor_eigenvector_1_ortho[1]     ? 
_reflns.pdbx_aniso_B_tensor_eigenvector_1_ortho[2]     ? 
_reflns.pdbx_aniso_B_tensor_eigenvector_1_ortho[3]     ? 
_reflns.pdbx_aniso_B_tensor_eigenvector_2_ortho[1]     ? 
_reflns.pdbx_aniso_B_tensor_eigenvector_2_ortho[2]     ? 
_reflns.pdbx_aniso_B_tensor_eigenvector_2_ortho[3]     ? 
_reflns.pdbx_aniso_B_tensor_eigenvector_3_ortho[1]     ? 
_reflns.pdbx_aniso_B_tensor_eigenvector_3_ortho[2]     ? 
_reflns.pdbx_aniso_B_tensor_eigenvector_3_ortho[3]     ? 
_reflns.pdbx_aniso_B_tensor_eigenvalue_1               ? 
_reflns.pdbx_aniso_B_tensor_eigenvalue_2               ? 
_reflns.pdbx_aniso_B_tensor_eigenvalue_3               ? 
_reflns.pdbx_orthogonalization_convention              ? 
_reflns.pdbx_percent_possible_ellipsoidal              ? 
_reflns.pdbx_percent_possible_spherical                ? 
_reflns.pdbx_percent_possible_ellipsoidal_anomalous    ? 
_reflns.pdbx_percent_possible_spherical_anomalous      ? 
_reflns.pdbx_redundancy_anomalous                      ? 
_reflns.pdbx_CC_half_anomalous                         ? 
_reflns.pdbx_absDiff_over_sigma_anomalous              ? 
_reflns.pdbx_percent_possible_anomalous                ? 
_reflns.pdbx_observed_signal_threshold                 ? 
_reflns.pdbx_signal_type                               ? 
_reflns.pdbx_signal_details                            ? 
_reflns.pdbx_signal_software_id                        ? 
# 
_reflns_shell.d_res_high                                    1.55 
_reflns_shell.d_res_low                                     1.61 
_reflns_shell.meanI_over_sigI_all                           ? 
_reflns_shell.meanI_over_sigI_obs                           3.5 
_reflns_shell.number_measured_all                           ? 
_reflns_shell.number_measured_obs                           ? 
_reflns_shell.number_possible                               ? 
_reflns_shell.number_unique_all                             ? 
_reflns_shell.number_unique_obs                             53 
_reflns_shell.percent_possible_obs                          ? 
_reflns_shell.Rmerge_F_all                                  ? 
_reflns_shell.Rmerge_F_obs                                  ? 
_reflns_shell.meanI_over_sigI_gt                            ? 
_reflns_shell.meanI_over_uI_all                             ? 
_reflns_shell.meanI_over_uI_gt                              ? 
_reflns_shell.number_measured_gt                            ? 
_reflns_shell.number_unique_gt                              ? 
_reflns_shell.percent_possible_gt                           ? 
_reflns_shell.Rmerge_F_gt                                   ? 
_reflns_shell.Rmerge_I_gt                                   ? 
_reflns_shell.pdbx_redundancy                               ? 
_reflns_shell.pdbx_chi_squared                              ? 
_reflns_shell.pdbx_netI_over_sigmaI_all                     ? 
_reflns_shell.pdbx_netI_over_sigmaI_obs                     ? 
_reflns_shell.pdbx_Rrim_I_all                               0.414 
_reflns_shell.pdbx_Rpim_I_all                               ? 
_reflns_shell.pdbx_rejects                                  ? 
_reflns_shell.pdbx_ordinal                                  1 
_reflns_shell.pdbx_diffrn_id                                1 
_reflns_shell.pdbx_CC_half                                  0.920 
_reflns_shell.pdbx_CC_star                                  ? 
_reflns_shell.pdbx_R_split                                  ? 
_reflns_shell.percent_possible_all                          68.83 
_reflns_shell.Rmerge_I_all                                  ? 
_reflns_shell.Rmerge_I_obs                                  ? 
_reflns_shell.pdbx_Rsym_value                               ? 
_reflns_shell.pdbx_percent_possible_ellipsoidal             ? 
_reflns_shell.pdbx_percent_possible_spherical               ? 
_reflns_shell.pdbx_percent_possible_ellipsoidal_anomalous   ? 
_reflns_shell.pdbx_percent_possible_spherical_anomalous     ? 
_reflns_shell.pdbx_redundancy_anomalous                     ? 
_reflns_shell.pdbx_CC_half_anomalous                        ? 
_reflns_shell.pdbx_absDiff_over_sigma_anomalous             ? 
_reflns_shell.pdbx_percent_possible_anomalous               ? 
# 
_refine.aniso_B[1][1]                            ? 
_refine.aniso_B[1][2]                            ? 
_refine.aniso_B[1][3]                            ? 
_refine.aniso_B[2][2]                            ? 
_refine.aniso_B[2][3]                            ? 
_refine.aniso_B[3][3]                            ? 
_refine.B_iso_max                                ? 
_refine.B_iso_mean                               9.13 
_refine.B_iso_min                                ? 
_refine.correlation_coeff_Fo_to_Fc               ? 
_refine.correlation_coeff_Fo_to_Fc_free          ? 
_refine.details                                  ? 
_refine.diff_density_max                         ? 
_refine.diff_density_max_esd                     ? 
_refine.diff_density_min                         ? 
_refine.diff_density_min_esd                     ? 
_refine.diff_density_rms                         ? 
_refine.diff_density_rms_esd                     ? 
_refine.entry_id                                 8QWU 
_refine.pdbx_refine_id                           'X-RAY DIFFRACTION' 
_refine.ls_abs_structure_details                 ? 
_refine.ls_abs_structure_Flack                   ? 
_refine.ls_abs_structure_Flack_esd               ? 
_refine.ls_abs_structure_Rogers                  ? 
_refine.ls_abs_structure_Rogers_esd              ? 
_refine.ls_d_res_high                            1.55 
_refine.ls_d_res_low                             18.11 
_refine.ls_extinction_coef                       ? 
_refine.ls_extinction_coef_esd                   ? 
_refine.ls_extinction_expression                 ? 
_refine.ls_extinction_method                     ? 
_refine.ls_goodness_of_fit_all                   ? 
_refine.ls_goodness_of_fit_all_esd               ? 
_refine.ls_goodness_of_fit_obs                   ? 
_refine.ls_goodness_of_fit_obs_esd               ? 
_refine.ls_hydrogen_treatment                    ? 
_refine.ls_matrix_type                           ? 
_refine.ls_number_constraints                    ? 
_refine.ls_number_parameters                     ? 
_refine.ls_number_reflns_all                     ? 
_refine.ls_number_reflns_obs                     704 
_refine.ls_number_reflns_R_free                  70 
_refine.ls_number_reflns_R_work                  634 
_refine.ls_number_restraints                     ? 
_refine.ls_percent_reflns_obs                    93.74 
_refine.ls_percent_reflns_R_free                 9.94 
_refine.ls_R_factor_all                          ? 
_refine.ls_R_factor_obs                          0.2352 
_refine.ls_R_factor_R_free                       0.2437 
_refine.ls_R_factor_R_free_error                 ? 
_refine.ls_R_factor_R_free_error_details         ? 
_refine.ls_R_factor_R_work                       0.2344 
_refine.ls_R_Fsqd_factor_obs                     ? 
_refine.ls_R_I_factor_obs                        ? 
_refine.ls_redundancy_reflns_all                 ? 
_refine.ls_redundancy_reflns_obs                 ? 
_refine.ls_restrained_S_all                      ? 
_refine.ls_restrained_S_obs                      ? 
_refine.ls_shift_over_esd_max                    ? 
_refine.ls_shift_over_esd_mean                   ? 
_refine.ls_structure_factor_coef                 ? 
_refine.ls_weighting_details                     ? 
_refine.ls_weighting_scheme                      ? 
_refine.ls_wR_factor_all                         ? 
_refine.ls_wR_factor_obs                         ? 
_refine.ls_wR_factor_R_free                      ? 
_refine.ls_wR_factor_R_work                      ? 
_refine.occupancy_max                            ? 
_refine.occupancy_min                            ? 
_refine.solvent_model_details                    'FLAT BULK SOLVENT MODEL' 
_refine.solvent_model_param_bsol                 ? 
_refine.solvent_model_param_ksol                 ? 
_refine.pdbx_R_complete                          ? 
_refine.ls_R_factor_gt                           ? 
_refine.ls_goodness_of_fit_gt                    ? 
_refine.ls_goodness_of_fit_ref                   ? 
_refine.ls_shift_over_su_max                     ? 
_refine.ls_shift_over_su_max_lt                  ? 
_refine.ls_shift_over_su_mean                    ? 
_refine.ls_shift_over_su_mean_lt                 ? 
_refine.pdbx_ls_sigma_I                          ? 
_refine.pdbx_ls_sigma_F                          1.53 
_refine.pdbx_ls_sigma_Fsqd                       ? 
_refine.pdbx_data_cutoff_high_absF               ? 
_refine.pdbx_data_cutoff_high_rms_absF           ? 
_refine.pdbx_data_cutoff_low_absF                ? 
_refine.pdbx_isotropic_thermal_model             ? 
_refine.pdbx_ls_cross_valid_method               'FREE R-VALUE' 
_refine.pdbx_method_to_determine_struct          'MOLECULAR REPLACEMENT' 
_refine.pdbx_starting_model                      ? 
_refine.pdbx_stereochemistry_target_values       'GeoStd + Monomer Library + CDL v1.2' 
_refine.pdbx_R_Free_selection_details            ? 
_refine.pdbx_stereochem_target_val_spec_case     ? 
_refine.pdbx_overall_ESU_R                       ? 
_refine.pdbx_overall_ESU_R_Free                  ? 
_refine.pdbx_solvent_vdw_probe_radii             1.1000 
_refine.pdbx_solvent_ion_probe_radii             ? 
_refine.pdbx_solvent_shrinkage_radii             0.9000 
_refine.pdbx_real_space_R                        ? 
_refine.pdbx_density_correlation                 ? 
_refine.pdbx_pd_number_of_powder_patterns        ? 
_refine.pdbx_pd_number_of_points                 ? 
_refine.pdbx_pd_meas_number_of_points            ? 
_refine.pdbx_pd_proc_ls_prof_R_factor            ? 
_refine.pdbx_pd_proc_ls_prof_wR_factor           ? 
_refine.pdbx_pd_Marquardt_correlation_coeff      ? 
_refine.pdbx_pd_Fsqrd_R_factor                   ? 
_refine.pdbx_pd_ls_matrix_band_width             ? 
_refine.pdbx_overall_phase_error                 16.7572 
_refine.pdbx_overall_SU_R_free_Cruickshank_DPI   ? 
_refine.pdbx_overall_SU_R_free_Blow_DPI          ? 
_refine.pdbx_overall_SU_R_Blow_DPI               ? 
_refine.pdbx_TLS_residual_ADP_flag               ? 
_refine.pdbx_diffrn_id                           1 
_refine.overall_SU_B                             ? 
_refine.overall_SU_ML                            0.1830 
_refine.overall_SU_R_Cruickshank_DPI             ? 
_refine.overall_SU_R_free                        ? 
_refine.overall_FOM_free_R_set                   ? 
_refine.overall_FOM_work_R_set                   ? 
_refine.pdbx_average_fsc_overall                 ? 
_refine.pdbx_average_fsc_work                    ? 
_refine.pdbx_average_fsc_free                    ? 
# 
_refine_hist.pdbx_refine_id                   'X-RAY DIFFRACTION' 
_refine_hist.cycle_id                         LAST 
_refine_hist.details                          ? 
_refine_hist.d_res_high                       1.55 
_refine_hist.d_res_low                        18.11 
_refine_hist.number_atoms_solvent             0 
_refine_hist.number_atoms_total               51 
_refine_hist.number_reflns_all                ? 
_refine_hist.number_reflns_obs                ? 
_refine_hist.number_reflns_R_free             ? 
_refine_hist.number_reflns_R_work             ? 
_refine_hist.R_factor_all                     ? 
_refine_hist.R_factor_obs                     ? 
_refine_hist.R_factor_R_free                  ? 
_refine_hist.R_factor_R_work                  ? 
_refine_hist.pdbx_number_residues_total       ? 
_refine_hist.pdbx_B_iso_mean_ligand           ? 
_refine_hist.pdbx_B_iso_mean_solvent          ? 
_refine_hist.pdbx_number_atoms_protein        51 
_refine_hist.pdbx_number_atoms_nucleic_acid   0 
_refine_hist.pdbx_number_atoms_ligand         0 
_refine_hist.pdbx_number_atoms_lipid          ? 
_refine_hist.pdbx_number_atoms_carb           ? 
_refine_hist.pdbx_pseudo_atom_details         ? 
# 
loop_
_refine_ls_restr.pdbx_refine_id 
_refine_ls_restr.criterion 
_refine_ls_restr.dev_ideal 
_refine_ls_restr.dev_ideal_target 
_refine_ls_restr.number 
_refine_ls_restr.rejects 
_refine_ls_restr.type 
_refine_ls_restr.weight 
_refine_ls_restr.pdbx_restraint_function 
'X-RAY DIFFRACTION' ? 0.0127  ? 51 ? f_bond_d           ? ? 
'X-RAY DIFFRACTION' ? 1.0344  ? 69 ? f_angle_d          ? ? 
'X-RAY DIFFRACTION' ? 0.0643  ? 8  ? f_chiral_restr     ? ? 
'X-RAY DIFFRACTION' ? 0.0056  ? 9  ? f_plane_restr      ? ? 
'X-RAY DIFFRACTION' ? 16.2440 ? 18 ? f_dihedral_angle_d ? ? 
# 
_refine_ls_shell.pdbx_refine_id                   'X-RAY DIFFRACTION' 
_refine_ls_shell.d_res_high                       1.55 
_refine_ls_shell.d_res_low                        18.11 
_refine_ls_shell.number_reflns_all                ? 
_refine_ls_shell.number_reflns_obs                ? 
_refine_ls_shell.number_reflns_R_free             70 
_refine_ls_shell.number_reflns_R_work             634 
_refine_ls_shell.percent_reflns_obs               93.74 
_refine_ls_shell.percent_reflns_R_free            ? 
_refine_ls_shell.R_factor_all                     ? 
_refine_ls_shell.R_factor_obs                     ? 
_refine_ls_shell.R_factor_R_free_error            ? 
_refine_ls_shell.R_factor_R_work                  0.2344 
_refine_ls_shell.redundancy_reflns_all            ? 
_refine_ls_shell.redundancy_reflns_obs            ? 
_refine_ls_shell.wR_factor_all                    ? 
_refine_ls_shell.wR_factor_obs                    ? 
_refine_ls_shell.wR_factor_R_free                 ? 
_refine_ls_shell.wR_factor_R_work                 ? 
_refine_ls_shell.pdbx_R_complete                  ? 
_refine_ls_shell.pdbx_total_number_of_bins_used   ? 
_refine_ls_shell.pdbx_phase_error                 ? 
_refine_ls_shell.pdbx_fsc_work                    ? 
_refine_ls_shell.pdbx_fsc_free                    ? 
_refine_ls_shell.R_factor_R_free                  0.2437 
# 
_struct.entry_id                     8QWU 
_struct.title                        'Structure of the amyloid-forming peptide LYIQNL, grown without ethanol' 
_struct.pdbx_model_details           ? 
_struct.pdbx_formula_weight          ? 
_struct.pdbx_formula_weight_method   ? 
_struct.pdbx_model_type_details      ? 
_struct.pdbx_CASP_flag               N 
# 
_struct_keywords.entry_id        8QWU 
_struct_keywords.text            'amyloid, PROTEIN FIBRIL' 
_struct_keywords.pdbx_keywords   'PROTEIN FIBRIL' 
# 
_struct_asym.id                            A 
_struct_asym.pdbx_blank_PDB_chainid_flag   N 
_struct_asym.pdbx_modified                 N 
_struct_asym.entity_id                     1 
_struct_asym.details                       ? 
# 
_struct_ref.id                         1 
_struct_ref.db_name                    PDB 
_struct_ref.db_code                    8QWU 
_struct_ref.pdbx_db_accession          8QWU 
_struct_ref.pdbx_db_isoform            ? 
_struct_ref.entity_id                  1 
_struct_ref.pdbx_seq_one_letter_code   ? 
_struct_ref.pdbx_align_begin           1 
# 
_struct_ref_seq.align_id                      1 
_struct_ref_seq.ref_id                        1 
_struct_ref_seq.pdbx_PDB_id_code              8QWU 
_struct_ref_seq.pdbx_strand_id                A 
_struct_ref_seq.seq_align_beg                 1 
_struct_ref_seq.pdbx_seq_align_beg_ins_code   ? 
_struct_ref_seq.seq_align_end                 6 
_struct_ref_seq.pdbx_seq_align_end_ins_code   ? 
_struct_ref_seq.pdbx_db_accession             8QWU 
_struct_ref_seq.db_align_beg                  1 
_struct_ref_seq.pdbx_db_align_beg_ins_code    ? 
_struct_ref_seq.db_align_end                  6 
_struct_ref_seq.pdbx_db_align_end_ins_code    ? 
_struct_ref_seq.pdbx_auth_seq_align_beg       1 
_struct_ref_seq.pdbx_auth_seq_align_end       6 
# 
_pdbx_struct_assembly.id                   1 
_pdbx_struct_assembly.details              author_defined_assembly 
_pdbx_struct_assembly.method_details       ? 
_pdbx_struct_assembly.oligomeric_details   pentameric 
_pdbx_struct_assembly.oligomeric_count     5 
# 
loop_
_pdbx_struct_assembly_gen.assembly_id 
_pdbx_struct_assembly_gen.oper_expression 
_pdbx_struct_assembly_gen.asym_id_list 
1 1 A 
1 2 A 
1 3 A 
1 4 A 
1 5 A 
# 
_pdbx_struct_assembly_auth_evidence.id                     1 
_pdbx_struct_assembly_auth_evidence.assembly_id            1 
_pdbx_struct_assembly_auth_evidence.experimental_support   none 
_pdbx_struct_assembly_auth_evidence.details                ? 
# 
loop_
_pdbx_struct_oper_list.id 
_pdbx_struct_oper_list.type 
_pdbx_struct_oper_list.name 
_pdbx_struct_oper_list.symmetry_operation 
_pdbx_struct_oper_list.matrix[1][1] 
_pdbx_struct_oper_list.matrix[1][2] 
_pdbx_struct_oper_list.matrix[1][3] 
_pdbx_struct_oper_list.vector[1] 
_pdbx_struct_oper_list.matrix[2][1] 
_pdbx_struct_oper_list.matrix[2][2] 
_pdbx_struct_oper_list.matrix[2][3] 
_pdbx_struct_oper_list.vector[2] 
_pdbx_struct_oper_list.matrix[3][1] 
_pdbx_struct_oper_list.matrix[3][2] 
_pdbx_struct_oper_list.matrix[3][3] 
_pdbx_struct_oper_list.vector[3] 
1 'identity operation'         1_555 x,y,z   1.0000000000 0.0000000000 0.0000000000 0.0000000000  0.0000000000 1.0000000000 0.0000000000 0.0000000000  0.0000000000 0.0000000000 1.0000000000 0.0000000000  
2 'crystal symmetry operation' 1_355 x-2,y,z 1.0000000000 0.0000000000 0.0000000000 2.8104927485  0.0000000000 1.0000000000 0.0000000000 4.2605291833  0.0000000000 0.0000000000 1.0000000000 8.2438727300  
3 'crystal symmetry operation' 1_455 x-1,y,z 1.0000000000 0.0000000000 0.0000000000 1.4052463743  0.0000000000 1.0000000000 0.0000000000 2.1302645916  0.0000000000 0.0000000000 1.0000000000 4.1219363650  
4 'crystal symmetry operation' 1_655 x+1,y,z 1.0000000000 0.0000000000 0.0000000000 -1.4052463743 0.0000000000 1.0000000000 0.0000000000 -2.1302645916 0.0000000000 0.0000000000 1.0000000000 -4.1219363650 
5 'crystal symmetry operation' 1_755 x+2,y,z 1.0000000000 0.0000000000 0.0000000000 -2.8104927485 0.0000000000 1.0000000000 0.0000000000 -4.2605291833 0.0000000000 0.0000000000 1.0000000000 -8.2438727300 
# 
loop_
_space_group_symop.id 
_space_group_symop.operation_xyz 
1 x,y,z           
2 x+1/2,-y+1/2,-z 
3 -x,y+1/2,-z+1/2 
4 -x+1/2,-y,z+1/2 
# 
loop_
_chem_comp_atom.comp_id 
_chem_comp_atom.atom_id 
_chem_comp_atom.type_symbol 
_chem_comp_atom.pdbx_aromatic_flag 
_chem_comp_atom.pdbx_stereo_config 
_chem_comp_atom.pdbx_ordinal 
ASN N    N N N 1   
ASN CA   C N S 2   
ASN C    C N N 3   
ASN O    O N N 4   
ASN CB   C N N 5   
ASN CG   C N N 6   
ASN OD1  O N N 7   
ASN ND2  N N N 8   
ASN OXT  O N N 9   
ASN H    H N N 10  
ASN H2   H N N 11  
ASN HA   H N N 12  
ASN HB2  H N N 13  
ASN HB3  H N N 14  
ASN HD21 H N N 15  
ASN HD22 H N N 16  
ASN HXT  H N N 17  
GLN N    N N N 18  
GLN CA   C N S 19  
GLN C    C N N 20  
GLN O    O N N 21  
GLN CB   C N N 22  
GLN CG   C N N 23  
GLN CD   C N N 24  
GLN OE1  O N N 25  
GLN NE2  N N N 26  
GLN OXT  O N N 27  
GLN H    H N N 28  
GLN H2   H N N 29  
GLN HA   H N N 30  
GLN HB2  H N N 31  
GLN HB3  H N N 32  
GLN HG2  H N N 33  
GLN HG3  H N N 34  
GLN HE21 H N N 35  
GLN HE22 H N N 36  
GLN HXT  H N N 37  
ILE N    N N N 38  
ILE CA   C N S 39  
ILE C    C N N 40  
ILE O    O N N 41  
ILE CB   C N S 42  
ILE CG1  C N N 43  
ILE CG2  C N N 44  
ILE CD1  C N N 45  
ILE OXT  O N N 46  
ILE H    H N N 47  
ILE H2   H N N 48  
ILE HA   H N N 49  
ILE HB   H N N 50  
ILE HG12 H N N 51  
ILE HG13 H N N 52  
ILE HG21 H N N 53  
ILE HG22 H N N 54  
ILE HG23 H N N 55  
ILE HD11 H N N 56  
ILE HD12 H N N 57  
ILE HD13 H N N 58  
ILE HXT  H N N 59  
LEU N    N N N 60  
LEU CA   C N S 61  
LEU C    C N N 62  
LEU O    O N N 63  
LEU CB   C N N 64  
LEU CG   C N N 65  
LEU CD1  C N N 66  
LEU CD2  C N N 67  
LEU OXT  O N N 68  
LEU H    H N N 69  
LEU H2   H N N 70  
LEU HA   H N N 71  
LEU HB2  H N N 72  
LEU HB3  H N N 73  
LEU HG   H N N 74  
LEU HD11 H N N 75  
LEU HD12 H N N 76  
LEU HD13 H N N 77  
LEU HD21 H N N 78  
LEU HD22 H N N 79  
LEU HD23 H N N 80  
LEU HXT  H N N 81  
TYR N    N N N 82  
TYR CA   C N S 83  
TYR C    C N N 84  
TYR O    O N N 85  
TYR CB   C N N 86  
TYR CG   C Y N 87  
TYR CD1  C Y N 88  
TYR CD2  C Y N 89  
TYR CE1  C Y N 90  
TYR CE2  C Y N 91  
TYR CZ   C Y N 92  
TYR OH   O N N 93  
TYR OXT  O N N 94  
TYR H    H N N 95  
TYR H2   H N N 96  
TYR HA   H N N 97  
TYR HB2  H N N 98  
TYR HB3  H N N 99  
TYR HD1  H N N 100 
TYR HD2  H N N 101 
TYR HE1  H N N 102 
TYR HE2  H N N 103 
TYR HH   H N N 104 
TYR HXT  H N N 105 
# 
loop_
_chem_comp_bond.comp_id 
_chem_comp_bond.atom_id_1 
_chem_comp_bond.atom_id_2 
_chem_comp_bond.value_order 
_chem_comp_bond.pdbx_aromatic_flag 
_chem_comp_bond.pdbx_stereo_config 
_chem_comp_bond.pdbx_ordinal 
ASN N   CA   sing N N 1   
ASN N   H    sing N N 2   
ASN N   H2   sing N N 3   
ASN CA  C    sing N N 4   
ASN CA  CB   sing N N 5   
ASN CA  HA   sing N N 6   
ASN C   O    doub N N 7   
ASN C   OXT  sing N N 8   
ASN CB  CG   sing N N 9   
ASN CB  HB2  sing N N 10  
ASN CB  HB3  sing N N 11  
ASN CG  OD1  doub N N 12  
ASN CG  ND2  sing N N 13  
ASN ND2 HD21 sing N N 14  
ASN ND2 HD22 sing N N 15  
ASN OXT HXT  sing N N 16  
GLN N   CA   sing N N 17  
GLN N   H    sing N N 18  
GLN N   H2   sing N N 19  
GLN CA  C    sing N N 20  
GLN CA  CB   sing N N 21  
GLN CA  HA   sing N N 22  
GLN C   O    doub N N 23  
GLN C   OXT  sing N N 24  
GLN CB  CG   sing N N 25  
GLN CB  HB2  sing N N 26  
GLN CB  HB3  sing N N 27  
GLN CG  CD   sing N N 28  
GLN CG  HG2  sing N N 29  
GLN CG  HG3  sing N N 30  
GLN CD  OE1  doub N N 31  
GLN CD  NE2  sing N N 32  
GLN NE2 HE21 sing N N 33  
GLN NE2 HE22 sing N N 34  
GLN OXT HXT  sing N N 35  
ILE N   CA   sing N N 36  
ILE N   H    sing N N 37  
ILE N   H2   sing N N 38  
ILE CA  C    sing N N 39  
ILE CA  CB   sing N N 40  
ILE CA  HA   sing N N 41  
ILE C   O    doub N N 42  
ILE C   OXT  sing N N 43  
ILE CB  CG1  sing N N 44  
ILE CB  CG2  sing N N 45  
ILE CB  HB   sing N N 46  
ILE CG1 CD1  sing N N 47  
ILE CG1 HG12 sing N N 48  
ILE CG1 HG13 sing N N 49  
ILE CG2 HG21 sing N N 50  
ILE CG2 HG22 sing N N 51  
ILE CG2 HG23 sing N N 52  
ILE CD1 HD11 sing N N 53  
ILE CD1 HD12 sing N N 54  
ILE CD1 HD13 sing N N 55  
ILE OXT HXT  sing N N 56  
LEU N   CA   sing N N 57  
LEU N   H    sing N N 58  
LEU N   H2   sing N N 59  
LEU CA  C    sing N N 60  
LEU CA  CB   sing N N 61  
LEU CA  HA   sing N N 62  
LEU C   O    doub N N 63  
LEU C   OXT  sing N N 64  
LEU CB  CG   sing N N 65  
LEU CB  HB2  sing N N 66  
LEU CB  HB3  sing N N 67  
LEU CG  CD1  sing N N 68  
LEU CG  CD2  sing N N 69  
LEU CG  HG   sing N N 70  
LEU CD1 HD11 sing N N 71  
LEU CD1 HD12 sing N N 72  
LEU CD1 HD13 sing N N 73  
LEU CD2 HD21 sing N N 74  
LEU CD2 HD22 sing N N 75  
LEU CD2 HD23 sing N N 76  
LEU OXT HXT  sing N N 77  
TYR N   CA   sing N N 78  
TYR N   H    sing N N 79  
TYR N   H2   sing N N 80  
TYR CA  C    sing N N 81  
TYR CA  CB   sing N N 82  
TYR CA  HA   sing N N 83  
TYR C   O    doub N N 84  
TYR C   OXT  sing N N 85  
TYR CB  CG   sing N N 86  
TYR CB  HB2  sing N N 87  
TYR CB  HB3  sing N N 88  
TYR CG  CD1  doub Y N 89  
TYR CG  CD2  sing Y N 90  
TYR CD1 CE1  sing Y N 91  
TYR CD1 HD1  sing N N 92  
TYR CD2 CE2  doub Y N 93  
TYR CD2 HD2  sing N N 94  
TYR CE1 CZ   doub Y N 95  
TYR CE1 HE1  sing N N 96  
TYR CE2 CZ   sing Y N 97  
TYR CE2 HE2  sing N N 98  
TYR CZ  OH   sing N N 99  
TYR OH  HH   sing N N 100 
TYR OXT HXT  sing N N 101 
# 
loop_
_pdbx_audit_support.funding_organization 
_pdbx_audit_support.country 
_pdbx_audit_support.grant_number 
_pdbx_audit_support.ordinal 
'Hungarian National Research, Development and Innovation Office' Hungary          2018-1.2.1-NKP-2018-00005 1 
'European Regional Development Fund'                             'European Union' 
'VEKOP-2.3.2-16-2017-00014, VEKOP-2.3.3-15-2017-00018' 2 
'Hungarian National Research, Development and Innovation Office' Hungary          'Thematic Excellence Program Synth+' 3 
# 
_pdbx_initial_refinement_model.id               1 
_pdbx_initial_refinement_model.entity_id_list   ? 
_pdbx_initial_refinement_model.type             other 
_pdbx_initial_refinement_model.source_name      Other 
_pdbx_initial_refinement_model.accession_code   ? 
_pdbx_initial_refinement_model.details          'ideal 5 residue beta strand' 
# 
_space_group.name_H-M_alt     'P 21 21 21' 
_space_group.name_Hall        'P 2ac 2ab' 
_space_group.IT_number        19 
_space_group.crystal_system   orthorhombic 
_space_group.id               1 
# 
_atom_sites.entry_id                    8QWU 
_atom_sites.Cartn_transf_matrix[1][1]   ? 
_atom_sites.Cartn_transf_matrix[1][2]   ? 
_atom_sites.Cartn_transf_matrix[1][3]   ? 
_atom_sites.Cartn_transf_matrix[2][1]   ? 
_atom_sites.Cartn_transf_matrix[2][2]   ? 
_atom_sites.Cartn_transf_matrix[2][3]   ? 
_atom_sites.Cartn_transf_matrix[3][1]   ? 
_atom_sites.Cartn_transf_matrix[3][2]   ? 
_atom_sites.Cartn_transf_matrix[3][3]   ? 
_atom_sites.Cartn_transf_vector[1]      ? 
_atom_sites.Cartn_transf_vector[2]      ? 
_atom_sites.Cartn_transf_vector[3]      ? 
_atom_sites.Cartn_transform_axes        ? 
_atom_sites.fract_transf_matrix[1][1]   -0.05978993 
_atom_sites.fract_transf_matrix[1][2]   -0.09063775 
_atom_sites.fract_transf_matrix[1][3]   -0.17537870 
_atom_sites.fract_transf_matrix[2][1]   0.04776680 
_atom_sites.fract_transf_matrix[2][2]   -0.00913011 
_atom_sites.fract_transf_matrix[2][3]   -0.01156606 
_atom_sites.fract_transf_matrix[3][1]   -0.00125729 
_atom_sites.fract_transf_matrix[3][2]   -0.02062214 
_atom_sites.fract_transf_matrix[3][3]   0.01108640 
_atom_sites.fract_transf_vector[1]      -0.435417 
_atom_sites.fract_transf_vector[2]      -0.005226 
_atom_sites.fract_transf_vector[3]      -0.257443 
_atom_sites.solution_primary            ? 
_atom_sites.solution_secondary          ? 
_atom_sites.solution_hydrogens          ? 
_atom_sites.special_details             ? 
# 
loop_
_atom_type.symbol 
_atom_type.scat_dispersion_real 
_atom_type.scat_dispersion_imag 
_atom_type.scat_Cromer_Mann_a1 
_atom_type.scat_Cromer_Mann_a2 
_atom_type.scat_Cromer_Mann_a3 
_atom_type.scat_Cromer_Mann_a4 
_atom_type.scat_Cromer_Mann_b1 
_atom_type.scat_Cromer_Mann_b2 
_atom_type.scat_Cromer_Mann_b3 
_atom_type.scat_Cromer_Mann_b4 
_atom_type.scat_Cromer_Mann_c 
_atom_type.scat_source 
_atom_type.scat_dispersion_source 
C ? ? 3.54356 2.42580 ? ? 25.62398 1.50364 ? ? 0.0 
;2-Gaussian fit: Grosse-Kunstleve RW, Sauter NK, Adams PD: Newsletter of the IUCr Commission on Crystallographic Computing 2004, 3, 22-31.
;
? 
H ? ? 0.51345 0.48472 ? ? 24.73122 6.32584 ? ? 0.0 
;2-Gaussian fit: Grosse-Kunstleve RW, Sauter NK, Adams PD: Newsletter of the IUCr Commission on Crystallographic Computing 2004, 3, 22-31.
;
? 
N ? ? 4.01032 2.96436 ? ? 19.97189 1.75589 ? ? 0.0 
;2-Gaussian fit: Grosse-Kunstleve RW, Sauter NK, Adams PD: Newsletter of the IUCr Commission on Crystallographic Computing 2004, 3, 22-31.
;
? 
O ? ? 4.49882 3.47563 ? ? 15.80542 1.70748 ? ? 0.0 
;2-Gaussian fit: Grosse-Kunstleve RW, Sauter NK, Adams PD: Newsletter of the IUCr Commission on Crystallographic Computing 2004, 3, 22-31.
;
? 
# 
loop_
_atom_site.group_PDB 
_atom_site.id 
_atom_site.type_symbol 
_atom_site.label_atom_id 
_atom_site.label_alt_id 
_atom_site.label_comp_id 
_atom_site.label_asym_id 
_atom_site.label_entity_id 
_atom_site.label_seq_id 
_atom_site.pdbx_PDB_ins_code 
_atom_site.Cartn_x 
_atom_site.Cartn_y 
_atom_site.Cartn_z 
_atom_site.occupancy 
_atom_site.B_iso_or_equiv 
_atom_site.pdbx_formal_charge 
_atom_site.auth_seq_id 
_atom_site.auth_comp_id 
_atom_site.auth_asym_id 
_atom_site.auth_atom_id 
_atom_site.pdbx_PDB_model_num 
ATOM 1   N N    . LEU A 1 1 ? 1.52645  8.10107  -4.76530 1.000 8.97273  ? 1 LEU A N    1 
ATOM 2   C CA   . LEU A 1 1 ? 0.62081  7.43333  -3.78517 1.000 6.98299  ? 1 LEU A CA   1 
ATOM 3   C C    . LEU A 1 1 ? 0.81922  5.93139  -3.85714 1.000 9.66026  ? 1 LEU A C    1 
ATOM 4   O O    . LEU A 1 1 ? 0.60656  5.30103  -4.87846 1.000 5.57868  ? 1 LEU A O    1 
ATOM 5   C CB   . LEU A 1 1 ? -0.83111 7.82348  -4.05878 1.000 16.36347 ? 1 LEU A CB   1 
ATOM 6   C CG   . LEU A 1 1 ? -1.74819 7.65912  -2.85919 1.000 30.72655 ? 1 LEU A CG   1 
ATOM 7   C CD1  . LEU A 1 1 ? -2.96646 8.57308  -2.97203 1.000 37.00403 ? 1 LEU A CD1  1 
ATOM 8   C CD2  . LEU A 1 1 ? -2.17523 6.20343  -2.72838 1.000 19.41940 ? 1 LEU A CD2  1 
ATOM 9   H H1   . LEU A 1 1 ? 1.48199  7.67735  -5.54669 1.000 10.77819 ? 1 LEU A H1   1 
ATOM 10  H H2   . LEU A 1 1 ? 1.27490  8.94805  -4.87234 1.000 10.77819 ? 1 LEU A H2   1 
ATOM 11  H H3   . LEU A 1 1 ? 2.36258  8.07605  -4.46140 1.000 10.77819 ? 1 LEU A H3   1 
ATOM 12  H HA   . LEU A 1 1 ? 0.82056  7.71930  -2.88006 1.000 8.39050  ? 1 LEU A HA   1 
ATOM 13  H HB2  . LEU A 1 1 ? -0.85730 8.75550  -4.32628 1.000 19.64708 ? 1 LEU A HB2  1 
ATOM 14  H HB3  . LEU A 1 1 ? -1.17403 7.26363  -4.77284 1.000 19.64708 ? 1 LEU A HB3  1 
ATOM 15  H HG   . LEU A 1 1 ? -1.26897 7.91316  -2.05501 1.000 36.88278 ? 1 LEU A HG   1 
ATOM 16  H HD11 . LEU A 1 1 ? -3.65428 8.25892  -2.36448 1.000 44.41575 ? 1 LEU A HD11 1 
ATOM 17  H HD12 . LEU A 1 1 ? -2.70565 9.47738  -2.73727 1.000 44.41575 ? 1 LEU A HD12 1 
ATOM 18  H HD13 . LEU A 1 1 ? -3.29521 8.54992  -3.88432 1.000 44.41575 ? 1 LEU A HD13 1 
ATOM 19  H HD21 . LEU A 1 1 ? -3.06822 6.16898  -2.35116 1.000 23.31420 ? 1 LEU A HD21 1 
ATOM 20  H HD22 . LEU A 1 1 ? -2.17134 5.79298  -3.60724 1.000 23.31420 ? 1 LEU A HD22 1 
ATOM 21  H HD23 . LEU A 1 1 ? -1.55185 5.74262  -2.14532 1.000 23.31420 ? 1 LEU A HD23 1 
ATOM 22  N N    . TYR A 1 2 ? 1.28075  5.36565  -2.74995 1.000 5.70889  ? 2 TYR A N    1 
ATOM 23  C CA   . TYR A 1 2 ? 1.67398  3.97838  -2.66104 1.000 6.71023  ? 2 TYR A CA   1 
ATOM 24  C C    . TYR A 1 2 ? 0.94327  3.39424  -1.45187 1.000 5.58552  ? 2 TYR A C    1 
ATOM 25  O O    . TYR A 1 2 ? 1.07064  3.90493  -0.33352 1.000 6.37238  ? 2 TYR A O    1 
ATOM 26  C CB   . TYR A 1 2 ? 3.20134  3.85918  -2.52363 1.000 3.52667  ? 2 TYR A CB   1 
ATOM 27  C CG   . TYR A 1 2 ? 4.02203  4.63432  -3.54484 1.000 4.95966  ? 2 TYR A CG   1 
ATOM 28  C CD1  . TYR A 1 2 ? 4.23625  6.01166  -3.42811 1.000 7.17187  ? 2 TYR A CD1  1 
ATOM 29  C CD2  . TYR A 1 2 ? 4.61146  3.97943  -4.61821 1.000 7.97806  ? 2 TYR A CD2  1 
ATOM 30  C CE1  . TYR A 1 2 ? 5.01036  6.73081  -4.36354 1.000 10.01854 ? 2 TYR A CE1  1 
ATOM 31  C CE2  . TYR A 1 2 ? 5.38573  4.68034  -5.55640 1.000 9.62650  ? 2 TYR A CE2  1 
ATOM 32  C CZ   . TYR A 1 2 ? 5.55639  6.03610  -5.43922 1.000 8.82947  ? 2 TYR A CZ   1 
ATOM 33  O OH   . TYR A 1 2 ? 6.33700  6.69434  -6.36625 1.000 17.11734 ? 2 TYR A OH   1 
ATOM 34  H H    . TYR A 1 2 ? 1.37732  5.78857  -2.00738 1.000 6.86158  ? 2 TYR A H    1 
ATOM 35  H HA   . TYR A 1 2 ? 1.41624  3.47899  -3.45165 1.000 8.06319  ? 2 TYR A HA   1 
ATOM 36  H HB2  . TYR A 1 2 ? 3.45364  4.18506  -1.64554 1.000 4.24292  ? 2 TYR A HB2  1 
ATOM 37  H HB3  . TYR A 1 2 ? 3.44216  2.92373  -2.61214 1.000 4.24292  ? 2 TYR A HB3  1 
ATOM 38  H HD1  . TYR A 1 2 ? 3.85675  6.46760  -2.71187 1.000 8.61716  ? 2 TYR A HD1  1 
ATOM 39  H HD2  . TYR A 1 2 ? 4.49147  3.06252  -4.71707 1.000 9.58458  ? 2 TYR A HD2  1 
ATOM 40  H HE1  . TYR A 1 2 ? 5.15197  7.64456  -4.26401 1.000 12.03316 ? 2 TYR A HE1  1 
ATOM 41  H HE2  . TYR A 1 2 ? 5.78492  4.22298  -6.26094 1.000 11.56272 ? 2 TYR A HE2  1 
ATOM 42  H HH   . TYR A 1 2 ? 6.63463  7.40739  -6.03674 1.000 20.55173 ? 2 TYR A HH   1 
ATOM 43  N N    . ILE A 1 3 ? 0.17536  2.32505  -1.67553 1.000 3.51383  ? 3 ILE A N    1 
ATOM 44  C CA   . ILE A 1 3 ? -0.55319 1.61097  -0.63428 1.000 3.49104  ? 3 ILE A CA   1 
ATOM 45  C C    . ILE A 1 3 ? -0.22104 0.13725  -0.72172 1.000 5.02958  ? 3 ILE A C    1 
ATOM 46  O O    . ILE A 1 3 ? -0.43726 -0.48775 -1.76416 1.000 1.52714  ? 3 ILE A O    1 
ATOM 47  C CB   . ILE A 1 3 ? -2.07151 1.79351  -0.79317 1.000 8.64498  ? 3 ILE A CB   1 
ATOM 48  C CG1  . ILE A 1 3 ? -2.48163 3.23637  -0.59188 1.000 6.53871  ? 3 ILE A CG1  1 
ATOM 49  C CG2  . ILE A 1 3 ? -2.87094 0.89829  0.18637  1.000 3.49428  ? 3 ILE A CG2  1 
ATOM 50  C CD1  . ILE A 1 3 ? -3.87680 3.58394  -1.14017 1.000 14.61832 ? 3 ILE A CD1  1 
ATOM 51  H H    . ILE A 1 3 ? 0.05855  1.98356  -2.45613 1.000 4.22751  ? 3 ILE A H    1 
ATOM 52  H HA   . ILE A 1 3 ? -0.26281 1.94077  0.23049  1.000 4.20016  ? 3 ILE A HA   1 
ATOM 53  H HB   . ILE A 1 3 ? -2.27808 1.52539  -1.70220 1.000 10.38489 ? 3 ILE A HB   1 
ATOM 54  H HG12 . ILE A 1 3 ? -2.48447 3.42728  0.35915  1.000 7.85736  ? 3 ILE A HG12 1 
ATOM 55  H HG13 . ILE A 1 3 ? -1.83911 3.80628  -1.04274 1.000 7.85736  ? 3 ILE A HG13 1 
ATOM 56  H HG21 . ILE A 1 3 ? -3.81186 0.93774  -0.04602 1.000 4.20405  ? 3 ILE A HG21 1 
ATOM 57  H HG22 . ILE A 1 3 ? -2.55022 -0.01426 0.11358  1.000 4.20405  ? 3 ILE A HG22 1 
ATOM 58  H HG23 . ILE A 1 3 ? -2.73961 1.22391  1.09060  1.000 4.20405  ? 3 ILE A HG23 1 
ATOM 59  H HD11 . ILE A 1 3 ? -3.80241 4.35053  -1.72983 1.000 17.55289 ? 3 ILE A HD11 1 
ATOM 60  H HD12 . ILE A 1 3 ? -4.22228 2.82168  -1.63060 1.000 17.55289 ? 3 ILE A HD12 1 
ATOM 61  H HD13 . ILE A 1 3 ? -4.46469 3.79359  -0.39765 1.000 17.55289 ? 3 ILE A HD13 1 
ATOM 62  N N    . GLN A 1 4 ? 0.27022  -0.43305 0.38268  1.000 5.13489  ? 4 GLN A N    1 
ATOM 63  C CA   . GLN A 1 4 ? 0.45326  -1.87874 0.50969  1.000 4.99411  ? 4 GLN A CA   1 
ATOM 64  C C    . GLN A 1 4 ? -0.28609 -2.35103 1.74613  1.000 2.99152  ? 4 GLN A C    1 
ATOM 65  O O    . GLN A 1 4 ? -0.05645 -1.84240 2.84587  1.000 4.34847  ? 4 GLN A O    1 
ATOM 66  C CB   . GLN A 1 4 ? 1.91624  -2.29906 0.60020  1.000 3.48362  ? 4 GLN A CB   1 
ATOM 67  C CG   . GLN A 1 4 ? 2.67123  -2.11413 -0.74915 1.000 2.91195  ? 4 GLN A CG   1 
ATOM 68  C CD   . GLN A 1 4 ? 3.29118  -0.77793 -0.90589 1.000 7.60012  ? 4 GLN A CD   1 
ATOM 69  O OE1  . GLN A 1 4 ? 3.78698  -0.17931 0.04738  1.000 9.84064  ? 4 GLN A OE1  1 
ATOM 70  N NE2  . GLN A 1 4 ? 3.29998  -0.29861 -2.14845 1.000 8.63777  ? 4 GLN A NE2  1 
ATOM 71  H H    . GLN A 1 4 ? 0.50813  0.00640  1.08259  1.000 6.17278  ? 4 GLN A H    1 
ATOM 72  H HA   . GLN A 1 4 ? 0.08588  -2.30077 -0.28267 1.000 6.00385  ? 4 GLN A HA   1 
ATOM 73  H HB2  . GLN A 1 4 ? 2.36063  -1.75792 1.27146  1.000 4.19126  ? 4 GLN A HB2  1 
ATOM 74  H HB3  . GLN A 1 4 ? 1.96222  -3.23630 0.84591  1.000 4.19126  ? 4 GLN A HB3  1 
ATOM 75  H HG2  . GLN A 1 4 ? 3.37758  -2.77657 -0.80539 1.000 3.50525  ? 4 GLN A HG2  1 
ATOM 76  H HG3  . GLN A 1 4 ? 2.04302  -2.23630 -1.47806 1.000 3.50525  ? 4 GLN A HG3  1 
ATOM 77  H HE21 . GLN A 1 4 ? 2.96060  -0.76021 -2.78981 1.000 10.37624 ? 4 GLN A HE21 1 
ATOM 78  H HE22 . GLN A 1 4 ? 3.64504  0.47249  -2.30945 1.000 10.37624 ? 4 GLN A HE22 1 
ATOM 79  N N    . ASN A 1 5 ? -1.12459 -3.35989 1.56257  1.000 2.91186  ? 5 ASN A N    1 
ATOM 80  C CA   . ASN A 1 5 ? -1.91288 -3.97699 2.62506  1.000 3.15654  ? 5 ASN A CA   1 
ATOM 81  C C    . ASN A 1 5 ? -1.47627 -5.43024 2.71089  1.000 6.52706  ? 5 ASN A C    1 
ATOM 82  O O    . ASN A 1 5 ? -1.70672 -6.20935 1.76914  1.000 9.12185  ? 5 ASN A O    1 
ATOM 83  C CB   . ASN A 1 5 ? -3.40852 -3.87013 2.34842  1.000 3.10355  ? 5 ASN A CB   1 
ATOM 84  C CG   . ASN A 1 5 ? -3.93274 -2.45190 2.43653  1.000 6.35013  ? 5 ASN A CG   1 
ATOM 85  O OD1  . ASN A 1 5 ? -3.74142 -1.75354 3.43328  1.000 6.28272  ? 5 ASN A OD1  1 
ATOM 86  N ND2  . ASN A 1 5 ? -4.57425 -2.00414 1.36935  1.000 9.63175  ? 5 ASN A ND2  1 
ATOM 87  H H    . ASN A 1 5 ? -1.26229 -3.72331 0.79539  1.000 3.50515  ? 5 ASN A H    1 
ATOM 88  H HA   . ASN A 1 5 ? -1.73825 -3.53251 3.46936  1.000 3.79876  ? 5 ASN A HA   1 
ATOM 89  H HB2  . ASN A 1 5 ? -3.58676 -4.19852 1.45327  1.000 3.73517  ? 5 ASN A HB2  1 
ATOM 90  H HB3  . ASN A 1 5 ? -3.88764 -4.40582 2.99985  1.000 3.73517  ? 5 ASN A HB3  1 
ATOM 91  H HD21 . ASN A 1 5 ? -4.89363 -1.20566 1.36320  1.000 11.56902 ? 5 ASN A HD21 1 
ATOM 92  H HD22 . ASN A 1 5 ? -4.67181 -2.51159 0.68192  1.000 11.56902 ? 5 ASN A HD22 1 
ATOM 93  N N    . LEU A 1 6 ? -0.84076 -5.81280 3.83383  1.000 8.93283  ? 6 LEU A N    1 
ATOM 94  C CA   . LEU A 1 6 ? -0.28197 -7.16694 3.94574  1.000 14.13742 ? 6 LEU A CA   1 
ATOM 95  C C    . LEU A 1 6 ? -0.67177 -7.87350 5.25148  1.000 20.21593 ? 6 LEU A C    1 
ATOM 96  O O    . LEU A 1 6 ? -1.19713 -7.27401 6.19043  1.000 13.18944 ? 6 LEU A O    1 
ATOM 97  C CB   . LEU A 1 6 ? 1.25785  -7.10931 3.83161  1.000 22.53486 ? 6 LEU A CB   1 
ATOM 98  O OXT  . LEU A 1 6 ? -0.49805 -9.09785 5.39801  1.000 14.50420 ? 6 LEU A OXT  1 
ATOM 99  H H    . LEU A 1 6 ? -0.72474 -5.31606 4.52620  1.000 10.73031 ? 6 LEU A H    1 
ATOM 100 H HA   . LEU A 1 6 ? -0.64494 -7.69870 3.22023  1.000 16.97582 ? 6 LEU A HA   1 
# 
